data_6Z6A
#
_entry.id   6Z6A
#
_cell.length_a   75.650
_cell.length_b   75.800
_cell.length_c   203.130
_cell.angle_alpha   90.000
_cell.angle_beta   90.000
_cell.angle_gamma   90.000
#
_symmetry.space_group_name_H-M   'P 21 21 21'
#
loop_
_entity.id
_entity.type
_entity.pdbx_description
1 polymer 'Kelch-like ECH-associated protein 1'
2 non-polymer (5S,8R)-8-[[(2S)-1-ethanoylpyrrolidin-2-yl]carbonylamino]-N,N-dimethyl-7,11-bis(oxidanylidene)-10-oxa-3-thia-6-azabicyclo[10.4.0]hexadeca-1(16),12,14-triene-5-carboxamide
3 non-polymer 'SODIUM ION'
4 non-polymer 'CHLORIDE ION'
5 water water
#
_entity_poly.entity_id   1
_entity_poly.type   'polypeptide(L)'
_entity_poly.pdbx_seq_one_letter_code
;PRGSAGAPKVGRLIYTAGGYFRQSLSYLEAYNPSDGTWLRLADLQVPRSGLAGCVVGGLLYAVGGRNNSPDGNTDSSALD
CYNPMTNQWSPCAPMSVPRNRIGVGVIDGHIYAVGGSHGCIHHNSVERYEPERDEWHLVAPMLTRRIGVGVAVLNRLLYA
VGGFDGTNRLNSAECYYPERNEWRMITAMNTIRSGAGVCVLHNCIYAAGGYDGQDQLNSVERYDVATATWTFVAPMKHRR
SALGITVHQGRIYVLGGYDGHTFLDSVECYDPDTDTWSEVTRMTSGRSGVGVAVT
;
_entity_poly.pdbx_strand_id   A,B
#
loop_
_chem_comp.id
_chem_comp.type
_chem_comp.name
_chem_comp.formula
CL non-polymer 'CHLORIDE ION' 'Cl -1'
NA non-polymer 'SODIUM ION' 'Na 1'
Q9E non-polymer (5S,8R)-8-[[(2S)-1-ethanoylpyrrolidin-2-yl]carbonylamino]-N,N-dimethyl-7,11-bis(oxidanylidene)-10-oxa-3-thia-6-azabicyclo[10.4.0]hexadeca-1(16),12,14-triene-5-carboxamide 'C23 H30 N4 O6 S'
#
# COMPACT_ATOMS: atom_id res chain seq x y z
N GLY A 11 1.85 9.75 -36.65
CA GLY A 11 1.38 10.40 -35.44
C GLY A 11 1.40 9.47 -34.23
N ARG A 12 2.57 9.38 -33.55
CA ARG A 12 2.75 8.55 -32.36
C ARG A 12 2.39 9.30 -31.06
N LEU A 13 1.76 8.58 -30.11
CA LEU A 13 1.36 9.18 -28.84
C LEU A 13 2.23 8.71 -27.68
N ILE A 14 2.29 9.53 -26.60
CA ILE A 14 2.99 9.15 -25.38
C ILE A 14 1.92 8.64 -24.40
N TYR A 15 1.88 7.33 -24.13
CA TYR A 15 0.92 6.70 -23.20
C TYR A 15 1.46 6.68 -21.79
N THR A 16 0.59 7.01 -20.81
CA THR A 16 0.93 6.94 -19.38
C THR A 16 -0.11 6.05 -18.72
N ALA A 17 0.33 4.93 -18.12
CA ALA A 17 -0.55 3.95 -17.47
C ALA A 17 -0.29 3.86 -16.01
N GLY A 18 -1.37 3.87 -15.22
CA GLY A 18 -1.30 3.73 -13.78
C GLY A 18 -0.73 4.91 -13.05
N GLY A 19 0.06 4.62 -12.01
CA GLY A 19 0.62 5.63 -11.13
C GLY A 19 0.07 5.60 -9.71
N TYR A 20 0.48 6.58 -8.92
CA TYR A 20 0.14 6.70 -7.50
C TYR A 20 -0.10 8.16 -7.13
N PHE A 21 -1.19 8.40 -6.42
CA PHE A 21 -1.51 9.67 -5.84
C PHE A 21 -2.46 9.32 -4.72
N ARG A 22 -1.94 9.24 -3.48
CA ARG A 22 -2.71 8.83 -2.28
C ARG A 22 -3.06 7.31 -2.30
N GLN A 23 -3.12 6.71 -3.51
CA GLN A 23 -3.35 5.28 -3.80
C GLN A 23 -2.98 5.00 -5.24
N SER A 24 -2.82 3.71 -5.60
CA SER A 24 -2.51 3.23 -6.96
C SER A 24 -3.67 3.59 -7.89
N LEU A 25 -3.35 3.97 -9.15
CA LEU A 25 -4.29 4.50 -10.13
C LEU A 25 -4.48 3.61 -11.33
N SER A 26 -5.65 3.78 -11.97
CA SER A 26 -6.13 3.04 -13.15
C SER A 26 -6.00 3.85 -14.44
N TYR A 27 -5.61 5.14 -14.36
CA TYR A 27 -5.54 5.99 -15.54
C TYR A 27 -4.72 5.44 -16.68
N LEU A 28 -5.26 5.59 -17.90
CA LEU A 28 -4.55 5.40 -19.14
C LEU A 28 -4.79 6.68 -19.91
N GLU A 29 -3.72 7.42 -20.21
CA GLU A 29 -3.85 8.70 -20.90
C GLU A 29 -2.78 8.82 -21.96
N ALA A 30 -3.07 9.47 -23.07
CA ALA A 30 -2.09 9.59 -24.14
C ALA A 30 -1.88 11.07 -24.51
N TYR A 31 -0.60 11.46 -24.63
CA TYR A 31 -0.24 12.82 -24.95
C TYR A 31 0.24 12.91 -26.37
N ASN A 32 -0.29 13.90 -27.10
CA ASN A 32 0.09 14.18 -28.47
C ASN A 32 1.08 15.33 -28.44
N PRO A 33 2.41 15.06 -28.57
CA PRO A 33 3.39 16.15 -28.53
C PRO A 33 3.25 17.17 -29.64
N SER A 34 2.53 16.81 -30.74
CA SER A 34 2.30 17.68 -31.89
C SER A 34 1.34 18.82 -31.61
N ASP A 35 0.17 18.55 -31.01
CA ASP A 35 -0.83 19.58 -30.73
C ASP A 35 -1.06 19.86 -29.23
N GLY A 36 -0.32 19.18 -28.36
CA GLY A 36 -0.40 19.36 -26.92
C GLY A 36 -1.64 18.82 -26.23
N THR A 37 -2.36 17.92 -26.89
CA THR A 37 -3.58 17.36 -26.31
C THR A 37 -3.36 16.05 -25.53
N TRP A 38 -4.24 15.81 -24.56
CA TRP A 38 -4.32 14.65 -23.72
C TRP A 38 -5.62 13.92 -24.01
N LEU A 39 -5.52 12.63 -24.27
CA LEU A 39 -6.63 11.71 -24.55
C LEU A 39 -6.88 10.89 -23.27
N ARG A 40 -8.14 10.69 -22.89
CA ARG A 40 -8.48 9.83 -21.73
C ARG A 40 -8.90 8.49 -22.32
N LEU A 41 -8.11 7.45 -22.04
CA LEU A 41 -8.40 6.12 -22.58
C LEU A 41 -8.98 5.20 -21.53
N ALA A 42 -9.28 3.96 -21.94
CA ALA A 42 -9.88 2.96 -21.04
C ALA A 42 -8.94 2.67 -19.91
N ASP A 43 -9.48 2.73 -18.70
CA ASP A 43 -8.82 2.49 -17.44
C ASP A 43 -8.26 1.08 -17.40
N LEU A 44 -7.12 0.90 -16.68
CA LEU A 44 -6.55 -0.41 -16.37
C LEU A 44 -7.62 -1.16 -15.57
N GLN A 45 -7.73 -2.49 -15.72
CA GLN A 45 -8.76 -3.28 -15.01
C GLN A 45 -8.48 -3.34 -13.51
N VAL A 46 -7.19 -3.32 -13.14
CA VAL A 46 -6.71 -3.33 -11.75
C VAL A 46 -5.78 -2.08 -11.60
N PRO A 47 -5.97 -1.21 -10.56
CA PRO A 47 -5.06 -0.04 -10.38
C PRO A 47 -3.65 -0.53 -10.08
N ARG A 48 -2.62 0.21 -10.49
CA ARG A 48 -1.26 -0.20 -10.30
C ARG A 48 -0.31 0.97 -10.38
N SER A 49 0.73 0.95 -9.54
CA SER A 49 1.84 1.88 -9.47
C SER A 49 3.07 0.98 -9.46
N GLY A 50 4.24 1.53 -9.83
CA GLY A 50 5.49 0.80 -9.80
C GLY A 50 5.55 -0.25 -10.89
N LEU A 51 4.75 -0.01 -11.90
CA LEU A 51 4.65 -0.81 -13.13
C LEU A 51 5.56 -0.22 -14.20
N ALA A 52 5.75 -0.95 -15.26
CA ALA A 52 6.54 -0.49 -16.41
C ALA A 52 5.67 -0.69 -17.63
N GLY A 53 5.87 0.15 -18.65
CA GLY A 53 5.14 0.08 -19.91
C GLY A 53 6.08 -0.22 -21.05
N CYS A 54 5.57 -0.84 -22.09
CA CYS A 54 6.31 -1.11 -23.34
C CYS A 54 5.34 -1.36 -24.49
N VAL A 55 5.85 -1.30 -25.70
CA VAL A 55 5.11 -1.51 -26.93
C VAL A 55 5.73 -2.65 -27.74
N VAL A 56 4.90 -3.61 -28.15
CA VAL A 56 5.29 -4.70 -29.03
C VAL A 56 4.18 -4.79 -30.08
N GLY A 57 4.56 -4.49 -31.33
CA GLY A 57 3.70 -4.57 -32.49
C GLY A 57 2.45 -3.72 -32.42
N GLY A 58 2.63 -2.45 -32.04
CA GLY A 58 1.55 -1.48 -31.90
C GLY A 58 0.67 -1.67 -30.68
N LEU A 59 0.91 -2.74 -29.90
CA LEU A 59 0.16 -3.04 -28.67
C LEU A 59 0.91 -2.56 -27.46
N LEU A 60 0.18 -1.94 -26.50
CA LEU A 60 0.77 -1.42 -25.27
C LEU A 60 0.64 -2.45 -24.14
N TYR A 61 1.71 -2.70 -23.39
CA TYR A 61 1.72 -3.64 -22.27
C TYR A 61 2.02 -2.95 -20.97
N ALA A 62 1.29 -3.30 -19.90
CA ALA A 62 1.46 -2.84 -18.53
C ALA A 62 1.96 -4.07 -17.79
N VAL A 63 3.15 -3.95 -17.18
CA VAL A 63 3.85 -5.06 -16.53
C VAL A 63 4.09 -4.82 -15.06
N GLY A 64 3.65 -5.79 -14.23
CA GLY A 64 3.89 -5.79 -12.80
C GLY A 64 3.34 -4.58 -12.07
N GLY A 65 4.00 -4.20 -10.99
CA GLY A 65 3.53 -3.13 -10.12
C GLY A 65 2.92 -3.62 -8.83
N ARG A 66 2.09 -2.80 -8.24
CA ARG A 66 1.42 -3.05 -7.00
C ARG A 66 0.16 -2.22 -6.89
N ASN A 67 -0.91 -2.81 -6.36
CA ASN A 67 -2.08 -2.02 -6.08
C ASN A 67 -2.05 -1.65 -4.61
N ASN A 68 -1.78 -0.38 -4.30
CA ASN A 68 -1.85 0.21 -2.96
C ASN A 68 -3.24 0.87 -2.80
N SER A 69 -4.13 0.28 -1.95
CA SER A 69 -5.47 0.77 -1.60
C SER A 69 -5.46 1.19 -0.13
N PRO A 70 -6.30 2.15 0.32
CA PRO A 70 -6.30 2.52 1.76
C PRO A 70 -6.59 1.36 2.73
N ASP A 71 -7.15 0.24 2.22
CA ASP A 71 -7.44 -0.95 3.00
C ASP A 71 -6.58 -2.22 2.67
N GLY A 72 -5.50 -2.07 1.91
CA GLY A 72 -4.72 -3.24 1.56
C GLY A 72 -3.88 -3.07 0.33
N ASN A 73 -2.72 -3.73 0.34
CA ASN A 73 -1.76 -3.66 -0.75
C ASN A 73 -1.56 -5.00 -1.40
N THR A 74 -1.51 -5.03 -2.76
CA THR A 74 -1.27 -6.27 -3.51
C THR A 74 -0.22 -6.09 -4.60
N ASP A 75 0.89 -6.82 -4.52
CA ASP A 75 1.93 -6.82 -5.56
C ASP A 75 1.37 -7.51 -6.79
N SER A 76 1.77 -7.07 -7.99
CA SER A 76 1.26 -7.61 -9.23
C SER A 76 2.28 -8.45 -10.03
N SER A 77 1.82 -9.64 -10.50
CA SER A 77 2.52 -10.52 -11.43
C SER A 77 1.86 -10.36 -12.81
N ALA A 78 0.85 -9.48 -12.92
CA ALA A 78 0.07 -9.25 -14.12
C ALA A 78 0.80 -8.60 -15.28
N LEU A 79 0.37 -9.03 -16.48
CA LEU A 79 0.71 -8.53 -17.79
C LEU A 79 -0.60 -8.27 -18.51
N ASP A 80 -0.81 -7.05 -18.88
CA ASP A 80 -2.04 -6.65 -19.55
C ASP A 80 -1.72 -5.95 -20.83
N CYS A 81 -2.54 -6.17 -21.82
CA CYS A 81 -2.32 -5.64 -23.15
C CYS A 81 -3.44 -4.72 -23.60
N TYR A 82 -3.06 -3.52 -24.06
CA TYR A 82 -3.97 -2.50 -24.53
C TYR A 82 -3.84 -2.35 -26.05
N ASN A 83 -5.00 -2.39 -26.72
CA ASN A 83 -5.07 -2.19 -28.16
C ASN A 83 -5.59 -0.78 -28.45
N PRO A 84 -4.72 0.14 -28.96
CA PRO A 84 -5.17 1.52 -29.25
C PRO A 84 -6.33 1.63 -30.22
N MET A 85 -6.44 0.67 -31.13
CA MET A 85 -7.46 0.56 -32.17
C MET A 85 -8.82 0.19 -31.61
N THR A 86 -8.88 -0.57 -30.53
CA THR A 86 -10.15 -1.01 -29.96
C THR A 86 -10.49 -0.36 -28.61
N ASN A 87 -9.50 0.29 -27.97
CA ASN A 87 -9.62 0.91 -26.64
C ASN A 87 -9.94 -0.14 -25.57
N GLN A 88 -9.34 -1.34 -25.71
CA GLN A 88 -9.58 -2.46 -24.82
C GLN A 88 -8.30 -3.03 -24.24
N TRP A 89 -8.34 -3.31 -22.91
CA TRP A 89 -7.29 -3.98 -22.14
C TRP A 89 -7.65 -5.47 -22.13
N SER A 90 -6.70 -6.33 -22.44
CA SER A 90 -6.85 -7.79 -22.45
C SER A 90 -5.79 -8.36 -21.52
N PRO A 91 -6.18 -9.28 -20.61
CA PRO A 91 -5.17 -9.93 -19.75
C PRO A 91 -4.31 -10.91 -20.55
N CYS A 92 -3.03 -10.98 -20.18
CA CYS A 92 -2.06 -11.90 -20.77
C CYS A 92 -1.63 -12.85 -19.67
N ALA A 93 -0.75 -13.79 -19.99
CA ALA A 93 -0.21 -14.74 -19.00
C ALA A 93 0.57 -13.95 -17.93
N PRO A 94 0.40 -14.27 -16.64
CA PRO A 94 1.16 -13.54 -15.61
C PRO A 94 2.59 -14.07 -15.46
N MET A 95 3.48 -13.24 -14.86
CA MET A 95 4.87 -13.60 -14.60
C MET A 95 4.91 -14.66 -13.50
N SER A 96 6.08 -15.27 -13.29
CA SER A 96 6.29 -16.33 -12.30
C SER A 96 6.07 -15.83 -10.87
N VAL A 97 6.35 -14.52 -10.66
CA VAL A 97 6.32 -13.87 -9.36
C VAL A 97 5.82 -12.44 -9.51
N PRO A 98 5.20 -11.88 -8.44
CA PRO A 98 4.81 -10.47 -8.48
C PRO A 98 6.07 -9.59 -8.51
N ARG A 99 6.02 -8.48 -9.26
CA ARG A 99 7.19 -7.60 -9.39
C ARG A 99 6.78 -6.13 -9.34
N ASN A 100 6.87 -5.54 -8.16
CA ASN A 100 6.60 -4.13 -7.98
C ASN A 100 7.93 -3.38 -8.20
N ARG A 101 7.92 -2.13 -8.68
CA ARG A 101 9.13 -1.30 -8.93
C ARG A 101 10.06 -2.03 -9.90
N ILE A 102 9.43 -2.54 -10.99
CA ILE A 102 9.94 -3.36 -12.07
C ILE A 102 10.58 -2.50 -13.17
N GLY A 103 11.49 -3.10 -13.90
CA GLY A 103 12.11 -2.51 -15.07
C GLY A 103 11.77 -3.40 -16.25
N VAL A 104 11.51 -2.81 -17.41
CA VAL A 104 11.14 -3.58 -18.60
C VAL A 104 11.95 -3.12 -19.82
N GLY A 105 12.27 -4.06 -20.68
CA GLY A 105 12.99 -3.80 -21.92
C GLY A 105 12.51 -4.76 -22.99
N VAL A 106 12.56 -4.34 -24.24
CA VAL A 106 12.09 -5.16 -25.38
C VAL A 106 13.20 -5.45 -26.34
N ILE A 107 13.40 -6.72 -26.70
CA ILE A 107 14.38 -7.13 -27.74
C ILE A 107 13.68 -8.16 -28.60
N ASP A 108 13.62 -7.90 -29.94
CA ASP A 108 13.01 -8.79 -30.94
C ASP A 108 11.54 -9.14 -30.65
N GLY A 109 10.79 -8.17 -30.12
CA GLY A 109 9.39 -8.36 -29.82
C GLY A 109 9.14 -9.20 -28.58
N HIS A 110 10.16 -9.32 -27.72
CA HIS A 110 10.10 -10.07 -26.46
C HIS A 110 10.27 -9.11 -25.34
N ILE A 111 9.39 -9.21 -24.33
CA ILE A 111 9.41 -8.35 -23.16
C ILE A 111 10.21 -9.00 -22.03
N TYR A 112 11.24 -8.30 -21.53
CA TYR A 112 12.01 -8.75 -20.37
C TYR A 112 11.55 -7.99 -19.12
N ALA A 113 11.14 -8.72 -18.06
CA ALA A 113 10.71 -8.20 -16.74
C ALA A 113 11.89 -8.40 -15.77
N VAL A 114 12.44 -7.29 -15.30
CA VAL A 114 13.69 -7.22 -14.56
C VAL A 114 13.46 -6.84 -13.09
N GLY A 115 13.99 -7.67 -12.19
CA GLY A 115 13.92 -7.47 -10.76
C GLY A 115 12.53 -7.17 -10.23
N GLY A 116 12.49 -6.22 -9.31
CA GLY A 116 11.27 -5.78 -8.64
C GLY A 116 11.14 -6.44 -7.29
N SER A 117 10.08 -6.08 -6.54
CA SER A 117 9.85 -6.67 -5.22
C SER A 117 8.55 -7.43 -5.13
N HIS A 118 8.54 -8.39 -4.21
CA HIS A 118 7.38 -9.12 -3.78
C HIS A 118 7.51 -9.15 -2.28
N GLY A 119 6.80 -8.23 -1.61
CA GLY A 119 6.84 -8.07 -0.16
C GLY A 119 8.25 -7.82 0.35
N CYS A 120 8.83 -8.85 1.02
CA CYS A 120 10.17 -8.78 1.60
C CYS A 120 11.25 -9.22 0.58
N ILE A 121 10.83 -9.82 -0.55
CA ILE A 121 11.77 -10.33 -1.56
C ILE A 121 12.16 -9.29 -2.61
N HIS A 122 13.47 -9.04 -2.78
CA HIS A 122 14.03 -8.18 -3.81
C HIS A 122 14.57 -9.11 -4.91
N HIS A 123 13.95 -9.11 -6.10
CA HIS A 123 14.36 -10.02 -7.14
C HIS A 123 15.63 -9.62 -7.87
N ASN A 124 16.44 -10.64 -8.19
CA ASN A 124 17.56 -10.53 -9.09
C ASN A 124 17.13 -11.32 -10.36
N SER A 125 16.01 -12.05 -10.27
CA SER A 125 15.42 -12.84 -11.34
C SER A 125 14.86 -11.98 -12.46
N VAL A 126 14.95 -12.53 -13.66
CA VAL A 126 14.55 -11.90 -14.90
C VAL A 126 13.80 -12.96 -15.71
N GLU A 127 12.70 -12.55 -16.35
CA GLU A 127 11.91 -13.43 -17.21
C GLU A 127 11.54 -12.74 -18.52
N ARG A 128 11.33 -13.55 -19.54
CA ARG A 128 11.06 -13.07 -20.88
C ARG A 128 9.71 -13.58 -21.36
N TYR A 129 8.90 -12.65 -21.95
CA TYR A 129 7.58 -12.91 -22.49
C TYR A 129 7.65 -12.96 -23.99
N GLU A 130 6.97 -13.98 -24.57
CA GLU A 130 6.83 -14.17 -26.00
C GLU A 130 5.37 -13.93 -26.37
N PRO A 131 5.02 -12.75 -26.96
CA PRO A 131 3.62 -12.46 -27.33
C PRO A 131 2.96 -13.48 -28.25
N GLU A 132 3.73 -14.08 -29.16
CA GLU A 132 3.28 -15.06 -30.13
C GLU A 132 2.84 -16.38 -29.47
N ARG A 133 3.48 -16.78 -28.37
CA ARG A 133 3.16 -18.00 -27.64
C ARG A 133 2.32 -17.75 -26.37
N ASP A 134 2.29 -16.49 -25.87
CA ASP A 134 1.67 -16.01 -24.61
C ASP A 134 2.28 -16.77 -23.39
N GLU A 135 3.63 -16.75 -23.30
CA GLU A 135 4.38 -17.45 -22.28
C GLU A 135 5.50 -16.64 -21.73
N TRP A 136 5.79 -16.84 -20.43
CA TRP A 136 6.93 -16.28 -19.71
C TRP A 136 7.90 -17.42 -19.42
N HIS A 137 9.21 -17.16 -19.55
CA HIS A 137 10.23 -18.13 -19.19
C HIS A 137 11.35 -17.38 -18.51
N LEU A 138 11.88 -17.92 -17.42
CA LEU A 138 12.99 -17.29 -16.72
C LEU A 138 14.28 -17.40 -17.54
N VAL A 139 15.07 -16.33 -17.55
CA VAL A 139 16.38 -16.27 -18.21
C VAL A 139 17.44 -16.21 -17.07
N ALA A 140 18.72 -15.92 -17.35
CA ALA A 140 19.74 -15.82 -16.28
C ALA A 140 19.38 -14.65 -15.32
N PRO A 141 19.49 -14.87 -13.98
CA PRO A 141 19.22 -13.75 -13.05
C PRO A 141 20.37 -12.76 -13.06
N MET A 142 20.10 -11.52 -12.65
CA MET A 142 21.13 -10.48 -12.56
C MET A 142 22.13 -10.84 -11.47
N LEU A 143 23.27 -10.15 -11.47
CA LEU A 143 24.32 -10.31 -10.46
C LEU A 143 23.91 -9.67 -9.13
N THR A 144 22.99 -8.69 -9.19
CA THR A 144 22.49 -7.92 -8.06
C THR A 144 20.97 -7.96 -8.04
N ARG A 145 20.37 -8.04 -6.84
CA ARG A 145 18.92 -7.93 -6.65
C ARG A 145 18.66 -6.44 -6.86
N ARG A 146 17.65 -6.08 -7.67
CA ARG A 146 17.36 -4.67 -7.95
C ARG A 146 15.85 -4.40 -8.07
N ILE A 147 15.34 -3.48 -7.24
CA ILE A 147 13.98 -2.95 -7.30
C ILE A 147 14.19 -1.47 -7.63
N GLY A 148 13.22 -0.81 -8.27
CA GLY A 148 13.36 0.61 -8.65
C GLY A 148 14.47 0.78 -9.65
N VAL A 149 14.65 -0.27 -10.49
CA VAL A 149 15.68 -0.44 -11.51
C VAL A 149 15.24 0.17 -12.87
N GLY A 150 16.18 0.84 -13.50
CA GLY A 150 16.01 1.41 -14.83
C GLY A 150 16.52 0.43 -15.85
N VAL A 151 15.75 0.20 -16.91
CA VAL A 151 16.10 -0.76 -17.95
C VAL A 151 16.18 -0.09 -19.31
N ALA A 152 17.23 -0.38 -20.07
CA ALA A 152 17.43 0.17 -21.41
C ALA A 152 17.97 -0.90 -22.34
N VAL A 153 17.52 -0.85 -23.60
CA VAL A 153 17.98 -1.75 -24.66
C VAL A 153 18.91 -0.98 -25.59
N LEU A 154 20.17 -1.40 -25.65
CA LEU A 154 21.17 -0.75 -26.47
C LEU A 154 22.06 -1.81 -27.09
N ASN A 155 22.19 -1.82 -28.44
CA ASN A 155 23.02 -2.78 -29.19
C ASN A 155 22.61 -4.23 -28.97
N ARG A 156 21.28 -4.44 -28.83
CA ARG A 156 20.57 -5.70 -28.60
C ARG A 156 21.00 -6.37 -27.28
N LEU A 157 21.44 -5.53 -26.33
CA LEU A 157 21.83 -5.89 -24.96
C LEU A 157 20.86 -5.20 -24.05
N LEU A 158 20.57 -5.82 -22.90
CA LEU A 158 19.64 -5.32 -21.90
C LEU A 158 20.44 -4.82 -20.69
N TYR A 159 20.36 -3.51 -20.41
CA TYR A 159 21.03 -2.88 -19.27
C TYR A 159 20.05 -2.67 -18.09
N ALA A 160 20.49 -3.04 -16.88
CA ALA A 160 19.78 -2.89 -15.59
C ALA A 160 20.66 -1.86 -14.84
N VAL A 161 20.09 -0.68 -14.58
CA VAL A 161 20.78 0.50 -14.06
C VAL A 161 20.23 0.93 -12.70
N GLY A 162 21.11 1.00 -11.70
CA GLY A 162 20.78 1.43 -10.36
C GLY A 162 19.77 0.54 -9.65
N GLY A 163 19.02 1.13 -8.75
CA GLY A 163 18.02 0.41 -7.99
C GLY A 163 18.32 0.36 -6.51
N PHE A 164 17.77 -0.67 -5.85
CA PHE A 164 17.87 -0.93 -4.44
C PHE A 164 17.87 -2.45 -4.28
N ASP A 165 18.86 -3.01 -3.54
CA ASP A 165 18.99 -4.46 -3.41
C ASP A 165 18.39 -5.04 -2.11
N GLY A 166 17.79 -4.19 -1.28
CA GLY A 166 17.18 -4.60 -0.03
C GLY A 166 17.86 -3.97 1.16
N THR A 167 19.15 -3.64 0.98
CA THR A 167 20.00 -3.03 2.00
C THR A 167 20.50 -1.66 1.51
N ASN A 168 20.98 -1.62 0.26
CA ASN A 168 21.58 -0.43 -0.33
C ASN A 168 20.94 0.05 -1.63
N ARG A 169 20.90 1.39 -1.78
CA ARG A 169 20.52 2.10 -2.99
C ARG A 169 21.80 2.02 -3.87
N LEU A 170 21.64 1.73 -5.18
CA LEU A 170 22.74 1.43 -6.11
C LEU A 170 23.07 2.48 -7.16
N ASN A 171 24.38 2.61 -7.44
CA ASN A 171 24.91 3.42 -8.54
C ASN A 171 25.43 2.43 -9.60
N SER A 172 25.47 1.14 -9.22
CA SER A 172 25.94 0.06 -10.08
C SER A 172 24.95 -0.23 -11.22
N ALA A 173 25.49 -0.77 -12.32
CA ALA A 173 24.76 -1.11 -13.51
C ALA A 173 25.38 -2.38 -14.12
N GLU A 174 24.54 -3.21 -14.74
CA GLU A 174 24.94 -4.45 -15.38
C GLU A 174 24.26 -4.62 -16.75
N CYS A 175 24.78 -5.54 -17.53
CA CYS A 175 24.46 -5.77 -18.91
C CYS A 175 24.11 -7.24 -19.17
N TYR A 176 23.01 -7.50 -19.92
CA TYR A 176 22.58 -8.84 -20.30
C TYR A 176 22.82 -9.10 -21.78
N TYR A 177 23.46 -10.25 -22.09
CA TYR A 177 23.76 -10.70 -23.43
C TYR A 177 22.75 -11.83 -23.73
N PRO A 178 21.65 -11.54 -24.48
CA PRO A 178 20.63 -12.56 -24.74
C PRO A 178 21.09 -13.85 -25.41
N GLU A 179 22.06 -13.76 -26.32
CA GLU A 179 22.61 -14.88 -27.06
C GLU A 179 23.40 -15.81 -26.16
N ARG A 180 24.18 -15.22 -25.25
CA ARG A 180 25.02 -15.94 -24.32
C ARG A 180 24.31 -16.30 -23.02
N ASN A 181 23.15 -15.66 -22.74
CA ASN A 181 22.32 -15.77 -21.55
C ASN A 181 23.15 -15.50 -20.30
N GLU A 182 23.71 -14.28 -20.24
CA GLU A 182 24.59 -13.91 -19.13
C GLU A 182 24.67 -12.41 -18.89
N TRP A 183 24.98 -12.05 -17.65
CA TRP A 183 25.11 -10.68 -17.14
C TRP A 183 26.56 -10.38 -16.83
N ARG A 184 26.94 -9.14 -17.09
CA ARG A 184 28.29 -8.61 -16.82
C ARG A 184 28.04 -7.23 -16.22
N MET A 185 28.81 -6.88 -15.18
CA MET A 185 28.75 -5.57 -14.54
C MET A 185 29.42 -4.58 -15.49
N ILE A 186 28.86 -3.38 -15.60
CA ILE A 186 29.44 -2.32 -16.45
C ILE A 186 29.92 -1.19 -15.52
N THR A 187 30.42 -0.07 -16.08
CA THR A 187 30.82 1.11 -15.31
C THR A 187 29.61 1.62 -14.52
N ALA A 188 29.83 1.85 -13.21
CA ALA A 188 28.83 2.38 -12.28
C ALA A 188 28.63 3.88 -12.55
N MET A 189 27.42 4.40 -12.28
CA MET A 189 27.07 5.81 -12.45
C MET A 189 27.81 6.63 -11.41
N ASN A 190 27.90 7.97 -11.63
CA ASN A 190 28.50 8.91 -10.67
C ASN A 190 27.58 9.05 -9.44
N THR A 191 26.27 8.87 -9.63
CA THR A 191 25.25 9.01 -8.57
C THR A 191 24.52 7.69 -8.30
N ILE A 192 24.21 7.43 -7.01
CA ILE A 192 23.38 6.33 -6.53
C ILE A 192 21.95 6.74 -6.93
N ARG A 193 21.21 5.87 -7.64
CA ARG A 193 19.82 6.16 -8.05
C ARG A 193 18.92 4.96 -7.98
N SER A 194 17.85 5.08 -7.20
CA SER A 194 16.76 4.12 -7.11
C SER A 194 15.55 4.91 -7.67
N GLY A 195 14.79 4.33 -8.57
CA GLY A 195 13.64 4.99 -9.16
C GLY A 195 13.96 6.12 -10.11
N ALA A 196 15.02 5.92 -10.92
CA ALA A 196 15.42 6.88 -11.92
C ALA A 196 14.64 6.59 -13.20
N GLY A 197 14.62 7.54 -14.13
CA GLY A 197 14.06 7.34 -15.46
C GLY A 197 15.23 6.92 -16.33
N VAL A 198 15.17 5.71 -16.93
CA VAL A 198 16.29 5.21 -17.77
C VAL A 198 15.80 4.94 -19.19
N CYS A 199 16.50 5.51 -20.19
CA CYS A 199 16.12 5.35 -21.60
C CYS A 199 17.34 5.44 -22.52
N VAL A 200 17.13 5.11 -23.82
CA VAL A 200 18.15 5.19 -24.86
C VAL A 200 17.81 6.31 -25.86
N LEU A 201 18.77 7.14 -26.14
CA LEU A 201 18.66 8.23 -27.12
C LEU A 201 20.03 8.41 -27.79
N HIS A 202 20.04 8.35 -29.14
CA HIS A 202 21.23 8.50 -29.99
C HIS A 202 22.42 7.67 -29.51
N ASN A 203 22.16 6.35 -29.25
CA ASN A 203 23.16 5.33 -28.85
C ASN A 203 23.78 5.57 -27.44
N CYS A 204 23.07 6.26 -26.55
CA CYS A 204 23.50 6.55 -25.17
C CYS A 204 22.39 6.14 -24.23
N ILE A 205 22.72 5.77 -22.99
CA ILE A 205 21.75 5.44 -21.93
C ILE A 205 21.66 6.66 -21.00
N TYR A 206 20.47 7.19 -20.76
CA TYR A 206 20.31 8.33 -19.86
C TYR A 206 19.67 7.86 -18.58
N ALA A 207 20.19 8.31 -17.44
CA ALA A 207 19.64 8.05 -16.11
C ALA A 207 19.24 9.41 -15.58
N ALA A 208 17.91 9.69 -15.48
CA ALA A 208 17.40 10.99 -15.02
C ALA A 208 16.68 10.85 -13.71
N GLY A 209 17.03 11.69 -12.73
CA GLY A 209 16.41 11.68 -11.42
C GLY A 209 16.69 10.44 -10.59
N GLY A 210 15.77 10.12 -9.71
CA GLY A 210 15.89 9.00 -8.80
C GLY A 210 16.00 9.46 -7.37
N TYR A 211 16.38 8.53 -6.49
CA TYR A 211 16.58 8.73 -5.07
C TYR A 211 17.95 8.18 -4.70
N ASP A 212 18.83 9.02 -4.14
CA ASP A 212 20.21 8.66 -3.74
C ASP A 212 20.35 8.04 -2.33
N GLY A 213 19.23 7.90 -1.62
CA GLY A 213 19.19 7.40 -0.25
C GLY A 213 18.99 8.53 0.75
N GLN A 214 19.09 9.78 0.27
CA GLN A 214 18.96 10.98 1.08
C GLN A 214 17.84 11.88 0.55
N ASP A 215 17.99 12.34 -0.72
CA ASP A 215 17.04 13.21 -1.43
C ASP A 215 16.70 12.67 -2.85
N GLN A 216 15.65 13.26 -3.47
CA GLN A 216 15.22 13.04 -4.87
C GLN A 216 16.16 13.90 -5.71
N LEU A 217 16.54 13.42 -6.91
CA LEU A 217 17.52 14.04 -7.79
C LEU A 217 16.91 14.70 -9.01
N ASN A 218 17.57 15.75 -9.50
CA ASN A 218 17.20 16.42 -10.76
C ASN A 218 18.36 16.25 -11.74
N SER A 219 19.51 15.72 -11.25
CA SER A 219 20.69 15.43 -12.07
C SER A 219 20.40 14.34 -13.09
N VAL A 220 21.04 14.46 -14.26
CA VAL A 220 20.89 13.54 -15.38
C VAL A 220 22.29 13.21 -15.89
N GLU A 221 22.54 11.92 -16.12
CA GLU A 221 23.80 11.46 -16.65
C GLU A 221 23.58 10.46 -17.79
N ARG A 222 24.49 10.43 -18.78
CA ARG A 222 24.40 9.50 -19.89
C ARG A 222 25.66 8.65 -20.03
N TYR A 223 25.44 7.38 -20.36
CA TYR A 223 26.47 6.39 -20.57
C TYR A 223 26.86 6.35 -22.05
N ASP A 224 28.15 6.53 -22.34
CA ASP A 224 28.69 6.38 -23.70
C ASP A 224 29.38 5.04 -23.72
N VAL A 225 28.91 4.12 -24.57
CA VAL A 225 29.40 2.75 -24.66
C VAL A 225 30.84 2.67 -25.23
N ALA A 226 31.21 3.55 -26.19
CA ALA A 226 32.55 3.55 -26.80
C ALA A 226 33.64 3.90 -25.79
N THR A 227 33.32 4.80 -24.84
CA THR A 227 34.24 5.26 -23.81
C THR A 227 33.99 4.61 -22.45
N ALA A 228 32.85 3.87 -22.29
CA ALA A 228 32.43 3.20 -21.06
C ALA A 228 32.40 4.17 -19.86
N THR A 229 31.89 5.38 -20.07
CA THR A 229 31.82 6.44 -19.05
C THR A 229 30.43 7.01 -18.91
N TRP A 230 30.11 7.49 -17.70
CA TRP A 230 28.85 8.18 -17.39
C TRP A 230 29.20 9.66 -17.25
N THR A 231 28.53 10.52 -18.03
CA THR A 231 28.77 11.97 -18.01
C THR A 231 27.48 12.71 -17.66
N PHE A 232 27.57 13.74 -16.81
CA PHE A 232 26.44 14.58 -16.45
C PHE A 232 26.08 15.49 -17.58
N VAL A 233 24.79 15.57 -17.87
CA VAL A 233 24.22 16.48 -18.86
C VAL A 233 23.43 17.53 -18.04
N ALA A 234 22.65 18.40 -18.70
CA ALA A 234 21.84 19.39 -17.99
C ALA A 234 20.85 18.72 -16.99
N PRO A 235 20.68 19.28 -15.76
CA PRO A 235 19.67 18.71 -14.83
C PRO A 235 18.27 19.15 -15.21
N MET A 236 17.24 18.46 -14.68
CA MET A 236 15.83 18.82 -14.91
C MET A 236 15.48 20.01 -14.00
N LYS A 237 14.38 20.73 -14.29
CA LYS A 237 13.91 21.85 -13.47
C LYS A 237 13.46 21.31 -12.09
N HIS A 238 12.78 20.13 -12.09
CA HIS A 238 12.27 19.51 -10.87
C HIS A 238 12.98 18.22 -10.48
N ARG A 239 13.24 18.06 -9.17
CA ARG A 239 13.79 16.85 -8.55
C ARG A 239 12.65 15.84 -8.59
N ARG A 240 12.93 14.60 -9.04
CA ARG A 240 11.90 13.56 -9.15
C ARG A 240 12.46 12.16 -9.10
N SER A 241 11.73 11.27 -8.43
CA SER A 241 11.97 9.82 -8.37
C SER A 241 10.64 9.20 -8.81
N ALA A 242 10.61 7.90 -9.18
CA ALA A 242 9.39 7.23 -9.67
C ALA A 242 8.71 8.05 -10.79
N LEU A 243 9.56 8.53 -11.69
CA LEU A 243 9.19 9.31 -12.85
C LEU A 243 9.03 8.35 -14.04
N GLY A 244 8.14 8.70 -14.95
CA GLY A 244 7.93 7.97 -16.20
C GLY A 244 8.87 8.57 -17.22
N ILE A 245 9.38 7.75 -18.14
CA ILE A 245 10.34 8.24 -19.13
C ILE A 245 10.13 7.60 -20.50
N THR A 246 10.33 8.39 -21.54
CA THR A 246 10.22 7.91 -22.93
C THR A 246 10.97 8.78 -23.88
N VAL A 247 11.26 8.25 -25.04
CA VAL A 247 11.90 8.97 -26.14
C VAL A 247 10.86 9.11 -27.28
N HIS A 248 10.65 10.34 -27.77
CA HIS A 248 9.73 10.66 -28.84
C HIS A 248 10.37 11.72 -29.73
N GLN A 249 10.63 11.35 -30.99
CA GLN A 249 11.22 12.20 -32.04
C GLN A 249 12.53 12.91 -31.59
N GLY A 250 13.50 12.10 -31.16
CA GLY A 250 14.83 12.56 -30.74
C GLY A 250 14.90 13.37 -29.47
N ARG A 251 13.85 13.32 -28.64
CA ARG A 251 13.78 14.05 -27.38
C ARG A 251 13.30 13.16 -26.27
N ILE A 252 13.80 13.41 -25.05
CA ILE A 252 13.43 12.66 -23.83
C ILE A 252 12.28 13.38 -23.16
N TYR A 253 11.25 12.62 -22.74
CA TYR A 253 10.12 13.16 -21.99
C TYR A 253 10.10 12.48 -20.62
N VAL A 254 10.04 13.28 -19.53
CA VAL A 254 9.92 12.79 -18.15
C VAL A 254 8.55 13.20 -17.65
N LEU A 255 7.79 12.26 -17.11
CA LEU A 255 6.40 12.45 -16.71
C LEU A 255 6.21 12.19 -15.23
N GLY A 256 5.72 13.21 -14.53
CA GLY A 256 5.42 13.14 -13.10
C GLY A 256 6.57 12.72 -12.23
N GLY A 257 6.25 12.00 -11.16
CA GLY A 257 7.21 11.54 -10.17
C GLY A 257 6.91 12.11 -8.80
N TYR A 258 7.80 11.84 -7.86
CA TYR A 258 7.68 12.23 -6.46
C TYR A 258 8.91 13.10 -6.08
N ASP A 259 8.64 14.26 -5.47
CA ASP A 259 9.75 15.15 -5.12
C ASP A 259 10.07 15.14 -3.60
N GLY A 260 9.43 14.25 -2.85
CA GLY A 260 9.62 14.15 -1.39
C GLY A 260 8.48 14.72 -0.57
N HIS A 261 7.46 15.27 -1.24
CA HIS A 261 6.29 15.87 -0.60
C HIS A 261 5.10 15.84 -1.54
N THR A 262 5.35 16.29 -2.78
CA THR A 262 4.41 16.46 -3.88
C THR A 262 4.57 15.34 -4.92
N PHE A 263 3.45 15.02 -5.58
CA PHE A 263 3.34 14.08 -6.69
C PHE A 263 3.18 15.02 -7.87
N LEU A 264 4.20 15.05 -8.74
CA LEU A 264 4.32 15.97 -9.87
C LEU A 264 3.38 15.70 -11.05
N ASP A 265 2.89 16.78 -11.66
CA ASP A 265 2.08 16.68 -12.87
C ASP A 265 2.96 17.18 -14.02
N SER A 266 4.10 17.79 -13.68
CA SER A 266 5.06 18.34 -14.62
C SER A 266 5.59 17.31 -15.64
N VAL A 267 5.59 17.73 -16.91
CA VAL A 267 6.16 16.96 -18.01
C VAL A 267 7.30 17.81 -18.62
N GLU A 268 8.54 17.35 -18.46
CA GLU A 268 9.72 18.01 -18.99
C GLU A 268 10.22 17.29 -20.23
N CYS A 269 10.86 18.04 -21.12
CA CYS A 269 11.39 17.54 -22.39
C CYS A 269 12.87 17.94 -22.58
N TYR A 270 13.77 16.97 -22.81
CA TYR A 270 15.20 17.18 -23.02
C TYR A 270 15.54 17.17 -24.51
N ASP A 271 16.18 18.26 -24.99
CA ASP A 271 16.68 18.38 -26.35
C ASP A 271 18.20 18.15 -26.29
N PRO A 272 18.69 17.00 -26.84
CA PRO A 272 20.13 16.72 -26.79
C PRO A 272 21.00 17.68 -27.60
N ASP A 273 20.42 18.35 -28.64
CA ASP A 273 21.12 19.29 -29.52
C ASP A 273 21.50 20.58 -28.81
N THR A 274 20.65 21.04 -27.86
CA THR A 274 20.86 22.26 -27.10
C THR A 274 21.23 21.99 -25.63
N ASP A 275 21.16 20.69 -25.19
CA ASP A 275 21.42 20.24 -23.81
C ASP A 275 20.54 21.07 -22.84
N THR A 276 19.24 21.13 -23.13
CA THR A 276 18.27 21.88 -22.33
C THR A 276 17.00 21.09 -22.12
N TRP A 277 16.40 21.27 -20.93
CA TRP A 277 15.13 20.73 -20.50
C TRP A 277 14.12 21.88 -20.51
N SER A 278 12.85 21.58 -20.85
CA SER A 278 11.78 22.58 -20.83
C SER A 278 10.46 21.92 -20.48
N GLU A 279 9.58 22.64 -19.77
CA GLU A 279 8.26 22.11 -19.42
C GLU A 279 7.38 22.25 -20.64
N VAL A 280 6.89 21.13 -21.17
CA VAL A 280 6.10 21.07 -22.39
C VAL A 280 4.61 20.93 -22.14
N THR A 281 4.25 20.30 -21.02
CA THR A 281 2.87 20.06 -20.61
C THR A 281 2.79 19.68 -19.13
N ARG A 282 1.55 19.47 -18.68
CA ARG A 282 1.19 19.07 -17.33
C ARG A 282 0.30 17.87 -17.54
N MET A 283 0.44 16.82 -16.71
CA MET A 283 -0.46 15.68 -16.74
C MET A 283 -1.81 16.21 -16.18
N THR A 284 -2.92 15.50 -16.43
CA THR A 284 -4.25 15.94 -15.95
C THR A 284 -4.32 16.02 -14.42
N SER A 285 -3.44 15.24 -13.75
CA SER A 285 -3.25 15.19 -12.31
C SER A 285 -1.85 14.63 -12.03
N GLY A 286 -1.28 15.03 -10.91
CA GLY A 286 0.02 14.63 -10.40
C GLY A 286 0.05 13.19 -9.96
N ARG A 287 1.16 12.49 -10.27
CA ARG A 287 1.29 11.09 -9.91
C ARG A 287 2.73 10.64 -10.05
N SER A 288 3.07 9.54 -9.35
CA SER A 288 4.36 8.86 -9.43
C SER A 288 4.16 7.38 -9.81
N GLY A 289 5.24 6.70 -10.23
CA GLY A 289 5.22 5.27 -10.54
C GLY A 289 4.33 4.84 -11.68
N VAL A 290 4.34 5.64 -12.73
CA VAL A 290 3.60 5.40 -13.97
C VAL A 290 4.46 4.56 -14.91
N GLY A 291 3.80 3.84 -15.80
CA GLY A 291 4.40 3.07 -16.87
C GLY A 291 4.21 3.90 -18.12
N VAL A 292 5.27 4.15 -18.89
CA VAL A 292 5.20 4.98 -20.09
C VAL A 292 5.72 4.25 -21.32
N ALA A 293 5.07 4.44 -22.48
CA ALA A 293 5.50 3.92 -23.79
C ALA A 293 5.00 4.82 -24.92
N VAL A 294 5.61 4.73 -26.11
CA VAL A 294 5.23 5.48 -27.32
C VAL A 294 4.82 4.51 -28.44
N THR A 295 3.68 4.79 -29.13
CA THR A 295 3.13 4.02 -30.27
C THR A 295 2.17 4.91 -31.09
N GLY B 11 -22.61 7.79 32.87
CA GLY B 11 -22.42 8.58 31.66
C GLY B 11 -21.13 8.30 30.90
N ARG B 12 -21.12 7.19 30.14
CA ARG B 12 -19.95 6.76 29.35
C ARG B 12 -19.94 7.37 27.95
N LEU B 13 -18.75 7.71 27.44
CA LEU B 13 -18.59 8.30 26.09
C LEU B 13 -17.96 7.31 25.12
N ILE B 14 -18.22 7.51 23.80
CA ILE B 14 -17.57 6.71 22.75
C ILE B 14 -16.41 7.56 22.21
N TYR B 15 -15.16 7.17 22.52
CA TYR B 15 -13.95 7.87 22.05
C TYR B 15 -13.47 7.34 20.71
N THR B 16 -13.08 8.26 19.83
CA THR B 16 -12.51 7.91 18.51
C THR B 16 -11.16 8.62 18.42
N ALA B 17 -10.08 7.83 18.26
CA ALA B 17 -8.71 8.35 18.21
C ALA B 17 -8.05 8.04 16.89
N GLY B 18 -7.36 9.05 16.37
CA GLY B 18 -6.64 8.97 15.10
C GLY B 18 -7.54 8.79 13.90
N GLY B 19 -7.02 8.06 12.93
CA GLY B 19 -7.74 7.80 11.70
C GLY B 19 -6.97 8.25 10.49
N TYR B 20 -7.59 8.09 9.33
CA TYR B 20 -7.02 8.45 8.05
C TYR B 20 -8.06 9.11 7.18
N PHE B 21 -7.63 10.20 6.58
CA PHE B 21 -8.28 10.94 5.53
C PHE B 21 -7.19 11.76 4.84
N ARG B 22 -6.71 11.27 3.66
CA ARG B 22 -5.63 11.83 2.78
C ARG B 22 -4.24 11.56 3.39
N GLN B 23 -4.19 11.51 4.71
CA GLN B 23 -3.05 11.25 5.57
C GLN B 23 -3.56 10.87 6.97
N SER B 24 -2.64 10.35 7.83
CA SER B 24 -2.89 9.99 9.23
C SER B 24 -3.31 11.21 10.09
N LEU B 25 -4.28 11.00 10.98
CA LEU B 25 -4.87 12.06 11.79
C LEU B 25 -4.53 12.02 13.28
N SER B 26 -4.69 13.18 13.96
CA SER B 26 -4.42 13.37 15.38
C SER B 26 -5.69 13.51 16.22
N TYR B 27 -6.87 13.57 15.57
CA TYR B 27 -8.12 13.76 16.30
C TYR B 27 -8.39 12.78 17.43
N LEU B 28 -8.89 13.33 18.54
CA LEU B 28 -9.46 12.60 19.65
C LEU B 28 -10.81 13.27 19.85
N GLU B 29 -11.88 12.50 19.67
CA GLU B 29 -13.24 13.04 19.80
C GLU B 29 -14.11 12.06 20.58
N ALA B 30 -15.06 12.55 21.36
CA ALA B 30 -15.92 11.65 22.13
C ALA B 30 -17.39 11.94 21.84
N TYR B 31 -18.15 10.87 21.62
CA TYR B 31 -19.55 10.96 21.31
C TYR B 31 -20.40 10.55 22.50
N ASN B 32 -21.38 11.40 22.83
CA ASN B 32 -22.33 11.12 23.91
C ASN B 32 -23.60 10.59 23.27
N PRO B 33 -23.81 9.25 23.33
CA PRO B 33 -25.04 8.68 22.72
C PRO B 33 -26.34 9.17 23.35
N SER B 34 -26.27 9.72 24.57
CA SER B 34 -27.43 10.23 25.31
C SER B 34 -28.00 11.53 24.75
N ASP B 35 -27.13 12.53 24.46
CA ASP B 35 -27.60 13.82 23.93
C ASP B 35 -27.15 14.12 22.48
N GLY B 36 -26.43 13.18 21.87
CA GLY B 36 -25.96 13.30 20.49
C GLY B 36 -24.83 14.28 20.26
N THR B 37 -24.11 14.69 21.32
CA THR B 37 -23.01 15.65 21.18
C THR B 37 -21.63 14.99 20.95
N TRP B 38 -20.75 15.75 20.31
CA TRP B 38 -19.37 15.44 20.02
C TRP B 38 -18.47 16.42 20.75
N LEU B 39 -17.53 15.89 21.52
CA LEU B 39 -16.53 16.65 22.29
C LEU B 39 -15.22 16.60 21.49
N ARG B 40 -14.51 17.74 21.38
CA ARG B 40 -13.19 17.77 20.74
C ARG B 40 -12.17 17.74 21.87
N LEU B 41 -11.41 16.64 21.94
CA LEU B 41 -10.42 16.48 23.01
C LEU B 41 -9.00 16.74 22.52
N ALA B 42 -8.01 16.61 23.41
CA ALA B 42 -6.63 16.86 23.09
C ALA B 42 -6.16 15.87 22.05
N ASP B 43 -5.53 16.41 21.02
CA ASP B 43 -4.97 15.71 19.88
C ASP B 43 -3.91 14.72 20.32
N LEU B 44 -3.80 13.58 19.59
CA LEU B 44 -2.72 12.61 19.75
C LEU B 44 -1.40 13.39 19.47
N GLN B 45 -0.31 13.04 20.17
CA GLN B 45 0.99 13.71 19.99
C GLN B 45 1.61 13.45 18.62
N VAL B 46 1.34 12.27 18.06
CA VAL B 46 1.79 11.79 16.76
C VAL B 46 0.51 11.32 16.01
N PRO B 47 0.27 11.76 14.72
CA PRO B 47 -0.92 11.29 13.99
C PRO B 47 -0.81 9.79 13.70
N ARG B 48 -1.94 9.07 13.74
CA ARG B 48 -1.95 7.62 13.56
C ARG B 48 -3.25 7.08 13.00
N SER B 49 -3.14 6.03 12.18
CA SER B 49 -4.23 5.28 11.55
C SER B 49 -3.85 3.82 11.63
N GLY B 50 -4.83 2.91 11.63
CA GLY B 50 -4.57 1.48 11.74
C GLY B 50 -4.16 1.10 13.14
N LEU B 51 -4.55 1.95 14.09
CA LEU B 51 -4.35 1.81 15.51
C LEU B 51 -5.58 1.15 16.11
N ALA B 52 -5.47 0.72 17.35
CA ALA B 52 -6.59 0.13 18.07
C ALA B 52 -6.69 0.89 19.38
N GLY B 53 -7.90 0.96 19.91
CA GLY B 53 -8.15 1.65 21.19
C GLY B 53 -8.68 0.67 22.22
N CYS B 54 -8.44 0.96 23.48
CA CYS B 54 -8.95 0.21 24.61
C CYS B 54 -8.96 1.07 25.86
N VAL B 55 -9.67 0.61 26.88
CA VAL B 55 -9.78 1.27 28.18
C VAL B 55 -9.35 0.30 29.29
N VAL B 56 -8.45 0.77 30.15
CA VAL B 56 -8.01 0.04 31.34
C VAL B 56 -8.04 1.05 32.49
N GLY B 57 -8.95 0.82 33.43
CA GLY B 57 -9.12 1.61 34.64
C GLY B 57 -9.44 3.06 34.39
N GLY B 58 -10.42 3.31 33.53
CA GLY B 58 -10.87 4.65 33.16
C GLY B 58 -9.92 5.41 32.23
N LEU B 59 -8.75 4.83 31.92
CA LEU B 59 -7.74 5.43 31.03
C LEU B 59 -7.85 4.87 29.63
N LEU B 60 -7.75 5.75 28.62
CA LEU B 60 -7.85 5.35 27.22
C LEU B 60 -6.43 5.14 26.62
N TYR B 61 -6.23 4.03 25.91
CA TYR B 61 -4.95 3.72 25.28
C TYR B 61 -5.08 3.64 23.78
N ALA B 62 -4.10 4.22 23.07
CA ALA B 62 -3.96 4.19 21.62
C ALA B 62 -2.75 3.30 21.38
N VAL B 63 -2.96 2.19 20.65
CA VAL B 63 -1.95 1.15 20.40
C VAL B 63 -1.59 1.01 18.94
N GLY B 64 -0.28 1.06 18.66
CA GLY B 64 0.26 0.86 17.32
C GLY B 64 -0.27 1.79 16.26
N GLY B 65 -0.36 1.27 15.03
CA GLY B 65 -0.82 2.01 13.88
C GLY B 65 0.34 2.44 13.00
N ARG B 66 0.11 3.51 12.24
CA ARG B 66 1.13 4.14 11.38
C ARG B 66 0.87 5.59 11.17
N ASN B 67 1.95 6.34 10.98
CA ASN B 67 1.84 7.72 10.55
C ASN B 67 2.13 7.73 9.07
N ASN B 68 1.07 7.85 8.27
CA ASN B 68 1.17 7.95 6.82
C ASN B 68 0.87 9.40 6.42
N SER B 69 1.89 10.11 5.92
CA SER B 69 1.81 11.49 5.44
C SER B 69 2.27 11.53 3.95
N PRO B 70 1.95 12.57 3.14
CA PRO B 70 2.47 12.58 1.74
C PRO B 70 4.00 12.57 1.64
N ASP B 71 4.72 12.85 2.75
CA ASP B 71 6.19 12.87 2.80
C ASP B 71 6.81 11.72 3.65
N GLY B 72 6.07 10.63 3.83
CA GLY B 72 6.56 9.47 4.56
C GLY B 72 5.54 8.53 5.14
N ASN B 73 5.98 7.36 5.52
CA ASN B 73 5.19 6.33 6.15
C ASN B 73 6.03 5.71 7.27
N THR B 74 5.50 5.68 8.50
CA THR B 74 6.16 5.06 9.65
C THR B 74 5.18 4.26 10.46
N ASP B 75 5.40 2.94 10.54
CA ASP B 75 4.60 2.04 11.38
C ASP B 75 5.01 2.27 12.84
N SER B 76 4.02 2.32 13.76
CA SER B 76 4.22 2.66 15.15
C SER B 76 4.23 1.45 16.12
N SER B 77 5.18 1.46 17.07
CA SER B 77 5.30 0.52 18.18
C SER B 77 4.76 1.21 19.47
N ALA B 78 4.29 2.47 19.34
CA ALA B 78 3.81 3.31 20.43
C ALA B 78 2.54 2.85 21.11
N LEU B 79 2.52 3.15 22.43
CA LEU B 79 1.41 2.99 23.37
C LEU B 79 1.30 4.31 24.08
N ASP B 80 0.14 4.93 23.95
CA ASP B 80 -0.12 6.23 24.55
C ASP B 80 -1.33 6.17 25.38
N CYS B 81 -1.32 6.89 26.48
CA CYS B 81 -2.40 6.88 27.44
C CYS B 81 -3.06 8.25 27.60
N TYR B 82 -4.38 8.30 27.46
CA TYR B 82 -5.18 9.48 27.60
C TYR B 82 -6.00 9.41 28.91
N ASN B 83 -5.92 10.48 29.71
CA ASN B 83 -6.68 10.62 30.93
C ASN B 83 -7.84 11.58 30.70
N PRO B 84 -9.11 11.06 30.68
CA PRO B 84 -10.27 11.94 30.45
C PRO B 84 -10.43 13.08 31.44
N MET B 85 -9.97 12.86 32.68
CA MET B 85 -10.01 13.80 33.79
C MET B 85 -9.06 14.97 33.64
N THR B 86 -7.92 14.77 32.97
CA THR B 86 -6.92 15.81 32.81
C THR B 86 -6.81 16.34 31.37
N ASN B 87 -7.39 15.61 30.39
CA ASN B 87 -7.34 15.93 28.96
C ASN B 87 -5.89 15.90 28.45
N GLN B 88 -5.10 14.95 28.98
CA GLN B 88 -3.69 14.81 28.64
C GLN B 88 -3.33 13.40 28.17
N TRP B 89 -2.52 13.35 27.08
CA TRP B 89 -1.92 12.15 26.51
C TRP B 89 -0.53 11.99 27.15
N SER B 90 -0.22 10.79 27.63
CA SER B 90 1.07 10.45 28.24
C SER B 90 1.64 9.26 27.50
N PRO B 91 2.93 9.31 27.10
CA PRO B 91 3.55 8.15 26.46
C PRO B 91 3.78 7.00 27.46
N CYS B 92 3.64 5.77 26.99
CA CYS B 92 3.86 4.57 27.78
C CYS B 92 5.01 3.82 27.12
N ALA B 93 5.40 2.65 27.67
CA ALA B 93 6.45 1.83 27.10
C ALA B 93 6.00 1.33 25.71
N PRO B 94 6.88 1.41 24.68
CA PRO B 94 6.49 0.88 23.37
C PRO B 94 6.55 -0.66 23.28
N MET B 95 5.83 -1.23 22.30
CA MET B 95 5.82 -2.67 22.01
C MET B 95 7.18 -3.08 21.44
N SER B 96 7.44 -4.38 21.34
CA SER B 96 8.71 -4.94 20.84
C SER B 96 8.94 -4.58 19.37
N VAL B 97 7.83 -4.43 18.63
CA VAL B 97 7.79 -4.24 17.20
C VAL B 97 6.68 -3.29 16.81
N PRO B 98 6.84 -2.56 15.67
CA PRO B 98 5.75 -1.71 15.20
C PRO B 98 4.61 -2.59 14.69
N ARG B 99 3.36 -2.17 14.97
CA ARG B 99 2.18 -2.92 14.57
C ARG B 99 1.08 -2.03 14.00
N ASN B 100 1.05 -1.98 12.68
CA ASN B 100 0.04 -1.29 11.88
C ASN B 100 -1.08 -2.27 11.58
N ARG B 101 -2.35 -1.82 11.62
CA ARG B 101 -3.53 -2.66 11.36
C ARG B 101 -3.55 -3.78 12.40
N ILE B 102 -3.36 -3.34 13.65
CA ILE B 102 -3.30 -4.09 14.91
C ILE B 102 -4.70 -4.41 15.46
N GLY B 103 -4.79 -5.47 16.23
CA GLY B 103 -5.98 -5.87 16.96
C GLY B 103 -5.64 -5.82 18.43
N VAL B 104 -6.57 -5.35 19.26
CA VAL B 104 -6.32 -5.23 20.71
C VAL B 104 -7.48 -5.83 21.51
N GLY B 105 -7.14 -6.44 22.64
CA GLY B 105 -8.09 -7.02 23.57
C GLY B 105 -7.59 -6.85 24.97
N VAL B 106 -8.49 -6.70 25.93
CA VAL B 106 -8.14 -6.53 27.35
C VAL B 106 -8.68 -7.68 28.20
N ILE B 107 -7.79 -8.30 29.00
CA ILE B 107 -8.17 -9.34 29.97
C ILE B 107 -7.47 -9.01 31.28
N ASP B 108 -8.25 -8.85 32.37
CA ASP B 108 -7.75 -8.56 33.72
C ASP B 108 -6.89 -7.29 33.80
N GLY B 109 -7.24 -6.28 33.02
CA GLY B 109 -6.53 -5.02 33.01
C GLY B 109 -5.20 -5.08 32.28
N HIS B 110 -5.03 -6.08 31.42
CA HIS B 110 -3.83 -6.28 30.61
C HIS B 110 -4.21 -6.16 29.17
N ILE B 111 -3.43 -5.39 28.42
CA ILE B 111 -3.65 -5.12 27.02
C ILE B 111 -2.87 -6.11 26.16
N TYR B 112 -3.56 -6.84 25.28
CA TYR B 112 -2.93 -7.74 24.31
C TYR B 112 -2.90 -7.05 22.93
N ALA B 113 -1.70 -6.95 22.32
CA ALA B 113 -1.44 -6.38 20.98
C ALA B 113 -1.21 -7.58 20.04
N VAL B 114 -2.15 -7.75 19.10
CA VAL B 114 -2.26 -8.90 18.23
C VAL B 114 -1.88 -8.58 16.79
N GLY B 115 -0.96 -9.39 16.24
CA GLY B 115 -0.48 -9.23 14.87
C GLY B 115 -0.12 -7.82 14.44
N GLY B 116 -0.66 -7.40 13.31
CA GLY B 116 -0.32 -6.12 12.74
C GLY B 116 0.88 -6.26 11.83
N SER B 117 1.30 -5.15 11.20
CA SER B 117 2.42 -5.20 10.28
C SER B 117 3.51 -4.20 10.58
N HIS B 118 4.71 -4.53 10.15
CA HIS B 118 5.88 -3.67 10.19
C HIS B 118 6.50 -3.80 8.81
N GLY B 119 6.20 -2.84 7.93
CA GLY B 119 6.61 -2.85 6.54
C GLY B 119 6.03 -4.06 5.85
N CYS B 120 6.92 -4.87 5.24
CA CYS B 120 6.58 -6.10 4.53
C CYS B 120 6.27 -7.26 5.49
N ILE B 121 6.60 -7.11 6.79
CA ILE B 121 6.41 -8.12 7.83
C ILE B 121 4.99 -8.14 8.43
N HIS B 122 4.33 -9.30 8.35
CA HIS B 122 2.99 -9.56 8.90
C HIS B 122 3.20 -10.42 10.13
N HIS B 123 2.97 -9.85 11.33
CA HIS B 123 3.20 -10.55 12.58
C HIS B 123 2.10 -11.54 12.93
N ASN B 124 2.54 -12.66 13.53
CA ASN B 124 1.69 -13.68 14.15
C ASN B 124 1.97 -13.53 15.67
N SER B 125 2.98 -12.69 16.02
CA SER B 125 3.39 -12.41 17.39
C SER B 125 2.35 -11.61 18.14
N VAL B 126 2.28 -11.87 19.45
CA VAL B 126 1.34 -11.28 20.37
C VAL B 126 2.11 -10.89 21.62
N GLU B 127 1.83 -9.70 22.17
CA GLU B 127 2.44 -9.23 23.41
C GLU B 127 1.40 -8.64 24.35
N ARG B 128 1.73 -8.66 25.63
CA ARG B 128 0.84 -8.21 26.68
C ARG B 128 1.45 -7.07 27.47
N TYR B 129 0.66 -6.05 27.74
CA TYR B 129 1.06 -4.89 28.52
C TYR B 129 0.44 -4.96 29.89
N GLU B 130 1.25 -4.64 30.92
CA GLU B 130 0.84 -4.54 32.32
C GLU B 130 0.94 -3.07 32.73
N PRO B 131 -0.22 -2.35 32.80
CA PRO B 131 -0.20 -0.93 33.20
C PRO B 131 0.47 -0.61 34.54
N GLU B 132 0.37 -1.52 35.51
CA GLU B 132 0.94 -1.39 36.84
C GLU B 132 2.48 -1.43 36.85
N ARG B 133 3.08 -2.17 35.91
CA ARG B 133 4.54 -2.29 35.79
C ARG B 133 5.12 -1.43 34.66
N ASP B 134 4.26 -1.00 33.69
CA ASP B 134 4.58 -0.30 32.43
C ASP B 134 5.54 -1.14 31.57
N GLU B 135 5.16 -2.39 31.31
CA GLU B 135 5.97 -3.37 30.60
C GLU B 135 5.18 -4.18 29.62
N TRP B 136 5.82 -4.53 28.49
CA TRP B 136 5.31 -5.44 27.46
C TRP B 136 6.11 -6.74 27.54
N HIS B 137 5.45 -7.88 27.39
CA HIS B 137 6.09 -9.19 27.35
C HIS B 137 5.40 -10.01 26.30
N LEU B 138 6.17 -10.73 25.48
CA LEU B 138 5.60 -11.55 24.43
C LEU B 138 4.95 -12.79 25.02
N VAL B 139 3.79 -13.17 24.47
CA VAL B 139 3.06 -14.39 24.87
C VAL B 139 3.19 -15.39 23.67
N ALA B 140 2.42 -16.48 23.63
CA ALA B 140 2.49 -17.43 22.50
C ALA B 140 2.02 -16.73 21.21
N PRO B 141 2.73 -16.91 20.06
CA PRO B 141 2.27 -16.29 18.82
C PRO B 141 1.06 -17.05 18.27
N MET B 142 0.26 -16.39 17.42
CA MET B 142 -0.88 -17.01 16.76
C MET B 142 -0.40 -18.09 15.80
N LEU B 143 -1.34 -18.94 15.36
CA LEU B 143 -1.09 -20.00 14.39
C LEU B 143 -0.93 -19.42 12.99
N THR B 144 -1.52 -18.23 12.75
CA THR B 144 -1.55 -17.52 11.48
C THR B 144 -1.02 -16.11 11.64
N ARG B 145 -0.28 -15.58 10.62
CA ARG B 145 0.14 -14.17 10.59
C ARG B 145 -1.11 -13.39 10.24
N ARG B 146 -1.46 -12.31 10.97
CA ARG B 146 -2.71 -11.56 10.73
C ARG B 146 -2.56 -10.06 10.97
N ILE B 147 -2.89 -9.28 9.96
CA ILE B 147 -2.91 -7.80 9.96
C ILE B 147 -4.33 -7.47 9.52
N GLY B 148 -4.89 -6.37 10.01
CA GLY B 148 -6.29 -6.02 9.75
C GLY B 148 -7.21 -7.01 10.44
N VAL B 149 -6.71 -7.53 11.59
CA VAL B 149 -7.31 -8.54 12.44
C VAL B 149 -8.28 -7.93 13.48
N GLY B 150 -9.42 -8.60 13.64
CA GLY B 150 -10.42 -8.22 14.62
C GLY B 150 -10.18 -9.01 15.89
N VAL B 151 -10.22 -8.35 17.04
CA VAL B 151 -9.94 -8.99 18.32
C VAL B 151 -11.12 -8.81 19.26
N ALA B 152 -11.52 -9.89 19.94
CA ALA B 152 -12.62 -9.89 20.88
C ALA B 152 -12.29 -10.73 22.09
N VAL B 153 -12.73 -10.27 23.27
CA VAL B 153 -12.57 -10.99 24.53
C VAL B 153 -13.90 -11.62 24.92
N LEU B 154 -13.95 -12.95 24.96
CA LEU B 154 -15.17 -13.68 25.30
C LEU B 154 -14.81 -14.87 26.18
N ASN B 155 -15.43 -14.96 27.39
CA ASN B 155 -15.20 -16.04 28.35
C ASN B 155 -13.74 -16.12 28.79
N ARG B 156 -13.10 -14.93 28.92
CA ARG B 156 -11.70 -14.72 29.35
C ARG B 156 -10.70 -15.35 28.38
N LEU B 157 -11.12 -15.49 27.12
CA LEU B 157 -10.36 -16.00 25.98
C LEU B 157 -10.25 -14.85 25.00
N LEU B 158 -9.13 -14.81 24.27
CA LEU B 158 -8.85 -13.78 23.28
C LEU B 158 -8.99 -14.38 21.87
N TYR B 159 -9.98 -13.89 21.10
CA TYR B 159 -10.21 -14.32 19.73
C TYR B 159 -9.59 -13.34 18.71
N ALA B 160 -8.88 -13.89 17.70
CA ALA B 160 -8.24 -13.19 16.58
C ALA B 160 -9.06 -13.69 15.37
N VAL B 161 -9.79 -12.76 14.73
CA VAL B 161 -10.77 -13.03 13.68
C VAL B 161 -10.39 -12.38 12.36
N GLY B 162 -10.28 -13.20 11.30
CA GLY B 162 -9.96 -12.75 9.95
C GLY B 162 -8.59 -12.11 9.83
N GLY B 163 -8.50 -11.19 8.90
CA GLY B 163 -7.26 -10.48 8.64
C GLY B 163 -6.64 -10.80 7.29
N PHE B 164 -5.32 -10.60 7.22
CA PHE B 164 -4.50 -10.78 6.02
C PHE B 164 -3.13 -11.34 6.45
N ASP B 165 -2.74 -12.51 5.92
CA ASP B 165 -1.49 -13.19 6.30
C ASP B 165 -0.27 -12.86 5.44
N GLY B 166 -0.44 -11.96 4.48
CA GLY B 166 0.63 -11.53 3.57
C GLY B 166 0.42 -12.02 2.16
N THR B 167 -0.38 -13.09 2.03
CA THR B 167 -0.72 -13.71 0.75
C THR B 167 -2.24 -13.67 0.52
N ASN B 168 -3.03 -14.00 1.55
CA ASN B 168 -4.48 -14.08 1.47
C ASN B 168 -5.22 -13.35 2.58
N ARG B 169 -6.40 -12.76 2.24
CA ARG B 169 -7.34 -12.20 3.20
C ARG B 169 -7.95 -13.48 3.82
N LEU B 170 -8.31 -13.43 5.12
CA LEU B 170 -8.76 -14.61 5.87
C LEU B 170 -10.21 -14.61 6.31
N ASN B 171 -10.82 -15.80 6.40
CA ASN B 171 -12.15 -16.03 6.98
C ASN B 171 -11.92 -16.83 8.27
N SER B 172 -10.68 -17.31 8.46
CA SER B 172 -10.26 -18.09 9.61
C SER B 172 -10.21 -17.24 10.88
N ALA B 173 -10.38 -17.93 12.02
CA ALA B 173 -10.37 -17.34 13.33
C ALA B 173 -9.74 -18.32 14.31
N GLU B 174 -9.05 -17.79 15.31
CA GLU B 174 -8.38 -18.57 16.36
C GLU B 174 -8.63 -17.98 17.73
N CYS B 175 -8.34 -18.76 18.74
CA CYS B 175 -8.61 -18.52 20.13
C CYS B 175 -7.38 -18.65 21.00
N TYR B 176 -7.16 -17.71 21.93
CA TYR B 176 -6.05 -17.75 22.89
C TYR B 176 -6.55 -18.03 24.30
N TYR B 177 -5.89 -19.02 24.96
CA TYR B 177 -6.16 -19.44 26.31
C TYR B 177 -5.05 -18.86 27.18
N PRO B 178 -5.29 -17.71 27.88
CA PRO B 178 -4.21 -17.07 28.67
C PRO B 178 -3.55 -17.92 29.74
N GLU B 179 -4.32 -18.79 30.42
CA GLU B 179 -3.86 -19.68 31.47
C GLU B 179 -2.93 -20.75 30.94
N ARG B 180 -3.27 -21.30 29.78
CA ARG B 180 -2.50 -22.35 29.13
C ARG B 180 -1.41 -21.81 28.20
N ASN B 181 -1.48 -20.49 27.84
CA ASN B 181 -0.62 -19.75 26.92
C ASN B 181 -0.56 -20.47 25.57
N GLU B 182 -1.74 -20.61 24.92
CA GLU B 182 -1.83 -21.33 23.66
C GLU B 182 -3.03 -20.92 22.83
N TRP B 183 -2.90 -21.11 21.50
CA TRP B 183 -3.88 -20.78 20.48
C TRP B 183 -4.45 -22.06 19.88
N ARG B 184 -5.74 -22.01 19.54
CA ARG B 184 -6.49 -23.10 18.91
C ARG B 184 -7.32 -22.42 17.83
N MET B 185 -7.40 -23.03 16.65
CA MET B 185 -8.22 -22.55 15.54
C MET B 185 -9.67 -22.85 15.90
N ILE B 186 -10.57 -21.93 15.58
CA ILE B 186 -12.02 -22.11 15.83
C ILE B 186 -12.71 -22.20 14.47
N THR B 187 -14.07 -22.30 14.47
CA THR B 187 -14.87 -22.31 13.23
C THR B 187 -14.59 -21.01 12.47
N ALA B 188 -14.32 -21.14 11.16
CA ALA B 188 -14.06 -20.02 10.25
C ALA B 188 -15.39 -19.34 9.92
N MET B 189 -15.34 -18.03 9.61
CA MET B 189 -16.52 -17.24 9.23
C MET B 189 -16.99 -17.66 7.84
N ASN B 190 -18.24 -17.29 7.49
CA ASN B 190 -18.79 -17.56 6.16
C ASN B 190 -18.12 -16.67 5.10
N THR B 191 -17.63 -15.49 5.51
CA THR B 191 -17.01 -14.51 4.64
C THR B 191 -15.55 -14.25 5.03
N ILE B 192 -14.67 -14.08 4.01
CA ILE B 192 -13.27 -13.65 4.14
C ILE B 192 -13.37 -12.15 4.50
N ARG B 193 -12.72 -11.73 5.62
CA ARG B 193 -12.71 -10.33 6.06
C ARG B 193 -11.38 -9.90 6.61
N SER B 194 -10.90 -8.82 6.07
CA SER B 194 -9.75 -8.08 6.54
C SER B 194 -10.35 -6.72 6.87
N GLY B 195 -9.85 -6.00 7.84
CA GLY B 195 -10.40 -4.67 8.17
C GLY B 195 -11.82 -4.65 8.70
N ALA B 196 -12.31 -5.80 9.24
CA ALA B 196 -13.67 -5.87 9.81
C ALA B 196 -13.73 -5.23 11.19
N GLY B 197 -14.92 -4.90 11.65
CA GLY B 197 -15.14 -4.41 13.01
C GLY B 197 -15.54 -5.63 13.82
N VAL B 198 -14.75 -5.98 14.86
CA VAL B 198 -15.02 -7.20 15.67
C VAL B 198 -15.25 -6.83 17.14
N CYS B 199 -16.36 -7.28 17.71
CA CYS B 199 -16.72 -6.95 19.10
C CYS B 199 -17.56 -8.08 19.75
N VAL B 200 -17.77 -7.98 21.08
CA VAL B 200 -18.61 -8.91 21.85
C VAL B 200 -19.86 -8.22 22.33
N LEU B 201 -21.01 -8.85 22.12
CA LEU B 201 -22.30 -8.39 22.57
C LEU B 201 -23.15 -9.59 22.93
N HIS B 202 -23.70 -9.61 24.15
CA HIS B 202 -24.57 -10.68 24.69
C HIS B 202 -24.00 -12.08 24.43
N ASN B 203 -22.71 -12.28 24.79
CA ASN B 203 -21.96 -13.55 24.71
C ASN B 203 -21.74 -14.08 23.26
N CYS B 204 -21.73 -13.18 22.27
CA CYS B 204 -21.51 -13.51 20.85
C CYS B 204 -20.42 -12.60 20.32
N ILE B 205 -19.67 -13.04 19.32
CA ILE B 205 -18.65 -12.24 18.63
C ILE B 205 -19.27 -11.77 17.31
N TYR B 206 -19.27 -10.46 17.04
CA TYR B 206 -19.79 -9.94 15.78
C TYR B 206 -18.63 -9.51 14.90
N ALA B 207 -18.69 -9.85 13.61
CA ALA B 207 -17.71 -9.45 12.59
C ALA B 207 -18.53 -8.61 11.60
N ALA B 208 -18.32 -7.29 11.56
CA ALA B 208 -19.10 -6.39 10.70
C ALA B 208 -18.19 -5.73 9.66
N GLY B 209 -18.60 -5.81 8.39
CA GLY B 209 -17.84 -5.23 7.31
C GLY B 209 -16.53 -5.91 7.01
N GLY B 210 -15.62 -5.15 6.42
CA GLY B 210 -14.33 -5.67 6.00
C GLY B 210 -14.05 -5.55 4.51
N TYR B 211 -12.85 -6.01 4.11
CA TYR B 211 -12.22 -5.99 2.79
C TYR B 211 -11.80 -7.43 2.43
N ASP B 212 -12.32 -7.99 1.32
CA ASP B 212 -11.90 -9.35 0.89
C ASP B 212 -10.92 -9.30 -0.33
N GLY B 213 -9.95 -8.37 -0.30
CA GLY B 213 -8.91 -8.18 -1.33
C GLY B 213 -9.37 -7.53 -2.63
N GLN B 214 -10.71 -7.45 -2.80
CA GLN B 214 -11.42 -6.91 -3.93
C GLN B 214 -12.44 -5.81 -3.52
N ASP B 215 -13.48 -6.20 -2.72
CA ASP B 215 -14.63 -5.37 -2.33
C ASP B 215 -14.79 -5.08 -0.81
N GLN B 216 -15.62 -4.06 -0.46
CA GLN B 216 -15.94 -3.67 0.92
C GLN B 216 -17.28 -4.27 1.25
N LEU B 217 -17.43 -4.80 2.48
CA LEU B 217 -18.63 -5.50 2.90
C LEU B 217 -19.52 -4.69 3.81
N ASN B 218 -20.84 -4.99 3.75
CA ASN B 218 -21.83 -4.44 4.66
C ASN B 218 -22.46 -5.59 5.46
N SER B 219 -22.13 -6.84 5.09
CA SER B 219 -22.61 -8.05 5.78
C SER B 219 -22.01 -8.14 7.19
N VAL B 220 -22.82 -8.69 8.10
CA VAL B 220 -22.47 -8.83 9.52
C VAL B 220 -22.83 -10.26 9.92
N GLU B 221 -21.91 -10.91 10.62
CA GLU B 221 -22.13 -12.26 11.13
C GLU B 221 -21.70 -12.36 12.59
N ARG B 222 -22.38 -13.22 13.37
CA ARG B 222 -22.04 -13.44 14.77
C ARG B 222 -21.76 -14.89 15.07
N TYR B 223 -20.75 -15.11 15.92
CA TYR B 223 -20.32 -16.40 16.39
C TYR B 223 -21.03 -16.77 17.67
N ASP B 224 -21.72 -17.91 17.69
CA ASP B 224 -22.35 -18.44 18.89
C ASP B 224 -21.43 -19.54 19.38
N VAL B 225 -20.89 -19.39 20.59
CA VAL B 225 -19.91 -20.31 21.16
C VAL B 225 -20.53 -21.68 21.53
N ALA B 226 -21.80 -21.71 22.00
CA ALA B 226 -22.49 -22.96 22.36
C ALA B 226 -22.67 -23.89 21.17
N THR B 227 -22.92 -23.31 19.97
CA THR B 227 -23.13 -24.05 18.72
C THR B 227 -21.89 -24.05 17.82
N ALA B 228 -20.87 -23.21 18.13
CA ALA B 228 -19.63 -23.04 17.36
C ALA B 228 -19.90 -22.73 15.87
N THR B 229 -20.89 -21.84 15.62
CA THR B 229 -21.31 -21.45 14.26
C THR B 229 -21.32 -19.95 14.09
N TRP B 230 -21.10 -19.49 12.85
CA TRP B 230 -21.19 -18.09 12.45
C TRP B 230 -22.49 -17.93 11.68
N THR B 231 -23.36 -17.01 12.11
CA THR B 231 -24.66 -16.76 11.47
C THR B 231 -24.74 -15.29 11.04
N PHE B 232 -25.28 -15.05 9.83
CA PHE B 232 -25.48 -13.71 9.31
C PHE B 232 -26.64 -13.07 10.00
N VAL B 233 -26.44 -11.82 10.41
CA VAL B 233 -27.48 -10.99 11.02
C VAL B 233 -27.78 -9.90 9.98
N ALA B 234 -28.55 -8.85 10.34
CA ALA B 234 -28.85 -7.78 9.40
C ALA B 234 -27.56 -7.08 8.88
N PRO B 235 -27.46 -6.75 7.57
CA PRO B 235 -26.27 -6.01 7.09
C PRO B 235 -26.39 -4.52 7.44
N MET B 236 -25.27 -3.77 7.37
CA MET B 236 -25.26 -2.33 7.63
C MET B 236 -25.77 -1.61 6.38
N LYS B 237 -26.17 -0.32 6.50
CA LYS B 237 -26.63 0.49 5.36
C LYS B 237 -25.45 0.74 4.41
N HIS B 238 -24.25 1.00 4.97
CA HIS B 238 -23.04 1.25 4.19
C HIS B 238 -21.99 0.15 4.26
N ARG B 239 -21.37 -0.15 3.10
CA ARG B 239 -20.25 -1.07 2.97
C ARG B 239 -19.07 -0.33 3.57
N ARG B 240 -18.29 -0.98 4.42
CA ARG B 240 -17.14 -0.36 5.09
C ARG B 240 -16.08 -1.35 5.51
N SER B 241 -14.82 -0.91 5.38
CA SER B 241 -13.59 -1.60 5.78
C SER B 241 -12.84 -0.57 6.60
N ALA B 242 -11.91 -0.98 7.52
CA ALA B 242 -11.17 -0.07 8.43
C ALA B 242 -12.15 0.85 9.20
N LEU B 243 -13.19 0.21 9.73
CA LEU B 243 -14.23 0.83 10.51
C LEU B 243 -13.86 0.67 11.99
N GLY B 244 -14.28 1.64 12.79
CA GLY B 244 -14.14 1.61 14.24
C GLY B 244 -15.37 0.92 14.79
N ILE B 245 -15.24 0.15 15.87
CA ILE B 245 -16.38 -0.59 16.45
C ILE B 245 -16.34 -0.57 17.98
N THR B 246 -17.51 -0.50 18.59
CA THR B 246 -17.64 -0.55 20.05
C THR B 246 -19.03 -0.96 20.45
N VAL B 247 -19.17 -1.39 21.69
CA VAL B 247 -20.45 -1.74 22.30
C VAL B 247 -20.72 -0.72 23.40
N HIS B 248 -21.91 -0.10 23.36
CA HIS B 248 -22.37 0.89 24.34
C HIS B 248 -23.83 0.64 24.62
N GLN B 249 -24.14 0.27 25.87
CA GLN B 249 -25.48 0.02 26.40
C GLN B 249 -26.30 -0.98 25.55
N GLY B 250 -25.73 -2.17 25.35
CA GLY B 250 -26.36 -3.27 24.62
C GLY B 250 -26.52 -3.09 23.13
N ARG B 251 -25.82 -2.11 22.54
CA ARG B 251 -25.88 -1.83 21.11
C ARG B 251 -24.49 -1.69 20.53
N ILE B 252 -24.34 -2.09 19.26
CA ILE B 252 -23.08 -1.99 18.51
C ILE B 252 -23.05 -0.68 17.76
N TYR B 253 -21.92 0.04 17.83
CA TYR B 253 -21.71 1.29 17.08
C TYR B 253 -20.53 1.08 16.12
N VAL B 254 -20.75 1.37 14.83
CA VAL B 254 -19.71 1.31 13.78
C VAL B 254 -19.42 2.75 13.35
N LEU B 255 -18.15 3.14 13.37
CA LEU B 255 -17.73 4.53 13.11
C LEU B 255 -16.83 4.61 11.92
N GLY B 256 -17.26 5.42 10.93
CA GLY B 256 -16.51 5.66 9.70
C GLY B 256 -16.11 4.41 8.94
N GLY B 257 -14.96 4.48 8.31
CA GLY B 257 -14.43 3.42 7.46
C GLY B 257 -14.31 3.86 6.02
N TYR B 258 -14.01 2.90 5.13
CA TYR B 258 -13.86 3.14 3.69
C TYR B 258 -14.88 2.31 2.89
N ASP B 259 -15.59 2.93 1.91
CA ASP B 259 -16.58 2.18 1.13
C ASP B 259 -16.15 1.87 -0.32
N GLY B 260 -14.92 2.22 -0.66
CA GLY B 260 -14.39 1.99 -2.01
C GLY B 260 -14.14 3.29 -2.75
N HIS B 261 -14.87 4.34 -2.37
CA HIS B 261 -14.75 5.66 -2.99
C HIS B 261 -14.53 6.73 -1.93
N THR B 262 -15.29 6.64 -0.83
CA THR B 262 -15.39 7.61 0.26
C THR B 262 -14.90 7.10 1.62
N PHE B 263 -14.33 8.05 2.42
CA PHE B 263 -13.98 7.86 3.82
C PHE B 263 -15.24 8.34 4.52
N LEU B 264 -15.94 7.41 5.16
CA LEU B 264 -17.24 7.61 5.80
C LEU B 264 -17.22 8.42 7.11
N ASP B 265 -18.25 9.24 7.29
CA ASP B 265 -18.45 9.99 8.53
C ASP B 265 -19.62 9.34 9.26
N SER B 266 -20.34 8.46 8.55
CA SER B 266 -21.48 7.71 9.04
C SER B 266 -21.20 6.87 10.29
N VAL B 267 -22.10 7.03 11.27
CA VAL B 267 -22.08 6.25 12.50
C VAL B 267 -23.39 5.46 12.55
N GLU B 268 -23.30 4.12 12.42
CA GLU B 268 -24.45 3.22 12.46
C GLU B 268 -24.52 2.53 13.82
N CYS B 269 -25.74 2.17 14.22
CA CYS B 269 -26.00 1.53 15.50
C CYS B 269 -26.86 0.26 15.30
N TYR B 270 -26.40 -0.90 15.79
CA TYR B 270 -27.12 -2.18 15.72
C TYR B 270 -27.85 -2.49 17.01
N ASP B 271 -29.17 -2.73 16.92
CA ASP B 271 -30.00 -3.15 18.05
C ASP B 271 -30.24 -4.67 17.89
N PRO B 272 -29.65 -5.50 18.78
CA PRO B 272 -29.83 -6.95 18.66
C PRO B 272 -31.27 -7.45 18.89
N ASP B 273 -32.10 -6.66 19.62
CA ASP B 273 -33.49 -7.00 19.94
C ASP B 273 -34.41 -6.93 18.72
N THR B 274 -34.13 -6.00 17.80
CA THR B 274 -34.91 -5.79 16.58
C THR B 274 -34.16 -6.27 15.32
N ASP B 275 -32.83 -6.61 15.45
CA ASP B 275 -31.94 -7.02 14.36
C ASP B 275 -31.96 -5.95 13.26
N THR B 276 -31.74 -4.70 13.68
CA THR B 276 -31.75 -3.55 12.77
C THR B 276 -30.60 -2.62 13.07
N TRP B 277 -30.06 -2.02 12.00
CA TRP B 277 -29.03 -0.98 12.00
C TRP B 277 -29.73 0.36 11.67
N SER B 278 -29.24 1.45 12.24
CA SER B 278 -29.75 2.80 11.97
C SER B 278 -28.65 3.82 12.10
N GLU B 279 -28.69 4.90 11.30
CA GLU B 279 -27.69 5.97 11.38
C GLU B 279 -28.06 6.85 12.55
N VAL B 280 -27.18 6.93 13.55
CA VAL B 280 -27.42 7.67 14.80
C VAL B 280 -26.75 9.05 14.83
N THR B 281 -25.62 9.18 14.12
CA THR B 281 -24.83 10.40 14.03
C THR B 281 -23.86 10.34 12.86
N ARG B 282 -23.13 11.42 12.64
CA ARG B 282 -22.08 11.52 11.67
C ARG B 282 -20.89 12.07 12.46
N MET B 283 -19.68 11.58 12.18
CA MET B 283 -18.43 12.08 12.78
C MET B 283 -18.24 13.51 12.25
N THR B 284 -17.41 14.34 12.90
CA THR B 284 -17.19 15.73 12.46
C THR B 284 -16.59 15.81 11.04
N SER B 285 -15.92 14.73 10.63
CA SER B 285 -15.32 14.50 9.32
C SER B 285 -15.15 12.99 9.12
N GLY B 286 -15.18 12.58 7.85
CA GLY B 286 -15.02 11.21 7.42
C GLY B 286 -13.61 10.70 7.57
N ARG B 287 -13.47 9.43 7.99
CA ARG B 287 -12.16 8.84 8.21
C ARG B 287 -12.28 7.33 8.34
N SER B 288 -11.16 6.63 8.11
CA SER B 288 -11.03 5.17 8.27
C SER B 288 -9.87 4.93 9.27
N GLY B 289 -9.69 3.69 9.73
CA GLY B 289 -8.58 3.30 10.59
C GLY B 289 -8.46 3.96 11.95
N VAL B 290 -9.60 4.23 12.57
CA VAL B 290 -9.70 4.84 13.89
C VAL B 290 -9.64 3.76 14.97
N GLY B 291 -9.20 4.16 16.16
CA GLY B 291 -9.18 3.35 17.36
C GLY B 291 -10.37 3.82 18.18
N VAL B 292 -11.23 2.89 18.61
CA VAL B 292 -12.45 3.23 19.35
C VAL B 292 -12.51 2.49 20.67
N ALA B 293 -12.96 3.18 21.75
CA ALA B 293 -13.20 2.60 23.07
C ALA B 293 -14.29 3.40 23.81
N VAL B 294 -14.89 2.79 24.84
CA VAL B 294 -15.94 3.41 25.67
C VAL B 294 -15.45 3.50 27.13
N THR B 295 -15.63 4.67 27.79
CA THR B 295 -15.31 4.93 29.22
C THR B 295 -16.13 6.13 29.74
C1 Q9E C . 9.27 3.01 -8.71
C2 Q9E C . 10.28 3.32 -7.81
C3 Q9E C . 7.94 3.27 -8.38
C7 Q9E C . 6.12 4.03 -6.95
C8 Q9E C . 5.39 6.66 -3.95
C9 Q9E C . 4.18 4.62 -1.86
C10 Q9E C . 7.33 7.59 -1.16
C11 Q9E C . 6.14 4.12 0.41
C12 Q9E C . 8.41 4.81 -4.90
C13 Q9E C . 2.61 3.06 0.67
C14 Q9E C . 2.87 2.85 -0.80
C15 Q9E C . 3.90 3.58 1.28
C16 Q9E C . 4.55 4.92 -5.57
C19 Q9E C . 4.27 3.34 -1.08
C20 Q9E C . 7.31 7.50 -2.68
C21 Q9E C . 7.19 3.10 0.08
C22 Q9E C . 4.96 8.53 -1.06
N25 Q9E C . 4.83 3.72 0.19
N26 Q9E C . 4.71 4.48 -3.14
O28 Q9E C . 5.29 3.28 -7.45
C4 Q9E C . 9.94 3.90 -6.61
C5 Q9E C . 7.60 3.84 -7.17
C6 Q9E C . 8.62 4.17 -6.25
C17 Q9E C . 8.69 7.04 -3.15
C18 Q9E C . 4.48 5.48 -4.17
C23 Q9E C . 6.33 8.39 0.92
N24 Q9E C . 6.32 6.49 -2.95
N27 Q9E C . 6.25 8.20 -0.50
O29 Q9E C . 5.28 7.66 -4.63
O30 Q9E C . 3.71 5.64 -1.37
O31 Q9E C . 8.30 7.17 -0.54
O32 Q9E C . 6.46 5.19 0.89
O33 Q9E C . 5.82 5.12 -6.21
S34 Q9E C . 8.74 6.60 -4.91
NA NA D . 28.96 -2.09 -22.33
CL CL E . 5.27 1.34 -3.89
#